data_8OEK
#
_entry.id   8OEK
#
_cell.length_a   84.864
_cell.length_b   95.183
_cell.length_c   49.465
_cell.angle_alpha   90.00
_cell.angle_beta   90.00
_cell.angle_gamma   90.00
#
_symmetry.space_group_name_H-M   'P 21 21 2'
#
loop_
_entity.id
_entity.type
_entity.pdbx_description
1 polymer 'Adhesion G protein-coupled receptor B2'
2 non-polymer 2-acetamido-2-deoxy-beta-D-glucopyranose
3 non-polymer 'CACODYLATE ION'
4 water water
#
_entity_poly.entity_id   1
_entity_poly.type   'polypeptide(L)'
_entity_poly.pdbx_seq_one_letter_code
;ETGYPYDVPDYATGPRELPAFHEMCRDEYVMLMTWKKAAAGEIIYNKCPPNASGSASRRCLLSAQGVAYWGLPSFARCIS
HEYRYLYLSLREHLAKGQRMLAGEGMSQVVRSLQELLARRTYYSGDLLFSVDILRNVTDTFKRATYVPSADDVQRFFQVV
SFMVDAENKEKWDDAQQVSPGSVHLLRVVEDFIHLVGDALKAFQSSLIVTDNLVISIQREPVSAVSSDITFPMRGRRGMK
DWVRHSEDRLFLPKEVLSLSSPGKPATSGAAGSPGRGRGPGTVPPGPGHSHQRLLPADPDESSYFVIGAVLYRTLGLILP
PPRPPLAVTSRVMTVTVRPPTQPPAEPLITVELSYIINGTTDPHCASWDYSRADASSGDWDTENCQTLETQAAHTRCQCQ
HLSTFAVLAQPPGTDDDDKSAWSHPQFEKGGGSGGGSGGSAWSHPQFEK
;
_entity_poly.pdbx_strand_id   A
#
# COMPACT_ATOMS: atom_id res chain seq x y z
N GLU A 23 20.38 -11.47 -32.25
CA GLU A 23 19.30 -10.81 -33.00
C GLU A 23 19.01 -9.44 -32.39
N MET A 24 18.31 -8.60 -33.14
CA MET A 24 18.07 -7.21 -32.78
C MET A 24 16.57 -6.92 -32.77
N CYS A 25 16.18 -6.00 -31.90
CA CYS A 25 14.84 -5.43 -31.92
C CYS A 25 14.80 -4.29 -32.93
N ARG A 26 13.78 -4.28 -33.78
CA ARG A 26 13.73 -3.31 -34.85
C ARG A 26 12.99 -2.04 -34.42
N ASP A 27 13.15 -0.99 -35.22
CA ASP A 27 12.56 0.31 -34.91
C ASP A 27 11.05 0.17 -34.80
N GLU A 28 10.50 0.56 -33.64
CA GLU A 28 9.06 0.56 -33.41
C GLU A 28 8.59 1.97 -33.06
N TYR A 29 7.32 2.24 -33.36
CA TYR A 29 6.63 3.43 -32.91
C TYR A 29 5.52 3.00 -31.96
N VAL A 30 5.60 3.44 -30.71
CA VAL A 30 4.66 2.99 -29.68
C VAL A 30 4.45 4.11 -28.69
N MET A 31 3.19 4.37 -28.34
CA MET A 31 2.84 5.39 -27.35
C MET A 31 3.46 6.74 -27.72
N LEU A 32 3.44 7.06 -29.01
CA LEU A 32 3.85 8.36 -29.50
C LEU A 32 5.36 8.55 -29.44
N MET A 33 6.11 7.45 -29.49
CA MET A 33 7.56 7.49 -29.39
C MET A 33 8.18 6.48 -30.33
N THR A 34 9.31 6.85 -30.93
CA THR A 34 10.08 5.94 -31.77
C THR A 34 11.18 5.30 -30.95
N TRP A 35 11.25 3.98 -31.00
CA TRP A 35 12.28 3.20 -30.32
C TRP A 35 13.25 2.70 -31.38
N LYS A 36 14.41 3.36 -31.48
CA LYS A 36 15.39 2.99 -32.50
C LYS A 36 15.74 1.51 -32.39
N LYS A 37 16.18 0.94 -33.52
CA LYS A 37 16.69 -0.42 -33.51
C LYS A 37 17.71 -0.58 -32.39
N ALA A 38 17.70 -1.75 -31.75
CA ALA A 38 18.54 -1.99 -30.59
C ALA A 38 19.00 -3.44 -30.61
N ALA A 39 20.20 -3.65 -30.09
CA ALA A 39 20.74 -5.00 -29.96
C ALA A 39 20.23 -5.66 -28.69
N ALA A 40 20.07 -6.98 -28.75
CA ALA A 40 19.54 -7.72 -27.62
C ALA A 40 20.33 -7.41 -26.36
N GLY A 41 19.63 -6.92 -25.34
CA GLY A 41 20.20 -6.73 -24.03
C GLY A 41 20.52 -5.29 -23.66
N GLU A 42 20.42 -4.35 -24.59
CA GLU A 42 20.68 -2.96 -24.27
C GLU A 42 19.38 -2.22 -24.05
N ILE A 43 19.43 -1.22 -23.17
CA ILE A 43 18.30 -0.37 -22.86
C ILE A 43 18.36 0.86 -23.75
N ILE A 44 17.24 1.18 -24.39
CA ILE A 44 17.10 2.41 -25.15
C ILE A 44 16.37 3.42 -24.27
N TYR A 45 16.75 4.69 -24.39
CA TYR A 45 16.12 5.76 -23.62
C TYR A 45 15.59 6.83 -24.56
N ASN A 46 14.44 7.39 -24.20
CA ASN A 46 13.84 8.49 -24.92
C ASN A 46 13.29 9.48 -23.91
N LYS A 47 13.13 10.73 -24.34
CA LYS A 47 12.44 11.69 -23.51
C LYS A 47 10.97 11.29 -23.38
N CYS A 48 10.39 11.63 -22.23
CA CYS A 48 9.01 11.27 -21.98
C CYS A 48 8.10 11.92 -23.02
N PRO A 49 6.90 11.37 -23.20
CA PRO A 49 5.95 12.03 -24.10
C PRO A 49 5.75 13.48 -23.71
N PRO A 50 5.28 14.32 -24.63
CA PRO A 50 5.17 15.75 -24.31
C PRO A 50 4.18 16.03 -23.19
N ASN A 51 3.27 15.10 -22.91
CA ASN A 51 2.49 15.10 -21.67
C ASN A 51 3.37 15.49 -20.50
N ALA A 52 4.58 14.94 -20.45
CA ALA A 52 5.36 14.88 -19.23
C ALA A 52 6.82 15.23 -19.52
N SER A 53 7.64 15.14 -18.49
CA SER A 53 9.08 15.29 -18.60
C SER A 53 9.75 14.16 -17.82
N GLY A 54 11.05 13.98 -18.07
CA GLY A 54 11.79 12.86 -17.53
C GLY A 54 12.37 11.99 -18.64
N SER A 55 12.41 10.69 -18.36
CA SER A 55 12.95 9.72 -19.32
C SER A 55 12.07 8.48 -19.36
N ALA A 56 11.91 7.93 -20.55
CA ALA A 56 11.31 6.62 -20.76
C ALA A 56 12.39 5.64 -21.22
N SER A 57 12.14 4.35 -20.98
CA SER A 57 13.11 3.33 -21.34
C SER A 57 12.38 2.11 -21.89
N ARG A 58 13.09 1.37 -22.74
CA ARG A 58 12.61 0.11 -23.28
C ARG A 58 13.82 -0.79 -23.48
N ARG A 59 13.67 -2.06 -23.13
CA ARG A 59 14.78 -3.00 -23.17
C ARG A 59 14.59 -3.99 -24.31
N CYS A 60 15.62 -4.14 -25.14
CA CYS A 60 15.63 -5.16 -26.18
C CYS A 60 16.01 -6.49 -25.55
N LEU A 61 15.03 -7.37 -25.38
CA LEU A 61 15.21 -8.63 -24.69
C LEU A 61 15.50 -9.77 -25.67
N LEU A 62 16.06 -10.85 -25.15
CA LEU A 62 16.32 -12.05 -25.92
C LEU A 62 15.64 -13.23 -25.25
N SER A 63 14.77 -13.91 -25.98
CA SER A 63 14.07 -15.07 -25.45
C SER A 63 15.05 -16.23 -25.32
N ALA A 64 14.52 -17.42 -25.04
CA ALA A 64 15.36 -18.62 -24.92
C ALA A 64 15.82 -19.14 -26.28
N GLN A 65 14.92 -19.15 -27.27
CA GLN A 65 15.24 -19.67 -28.60
C GLN A 65 16.31 -18.84 -29.30
N GLY A 66 16.71 -17.71 -28.73
CA GLY A 66 17.68 -16.83 -29.34
C GLY A 66 17.11 -15.66 -30.11
N VAL A 67 15.79 -15.49 -30.09
CA VAL A 67 15.13 -14.44 -30.86
C VAL A 67 14.99 -13.19 -30.01
N ALA A 68 15.48 -12.06 -30.52
CA ALA A 68 15.38 -10.80 -29.82
C ALA A 68 13.96 -10.25 -29.94
N TYR A 69 13.48 -9.64 -28.87
CA TYR A 69 12.13 -9.07 -28.86
C TYR A 69 12.10 -7.89 -27.91
N TRP A 70 11.30 -6.88 -28.28
CA TRP A 70 11.14 -5.71 -27.43
C TRP A 70 10.37 -6.08 -26.17
N GLY A 71 10.94 -5.75 -25.01
CA GLY A 71 10.17 -5.67 -23.80
C GLY A 71 9.26 -4.45 -23.83
N LEU A 72 8.48 -4.30 -22.77
CA LEU A 72 7.57 -3.16 -22.72
C LEU A 72 8.33 -1.89 -22.35
N PRO A 73 7.82 -0.73 -22.75
CA PRO A 73 8.43 0.53 -22.33
C PRO A 73 8.07 0.90 -20.91
N SER A 74 9.02 1.51 -20.22
CA SER A 74 8.83 1.95 -18.84
C SER A 74 8.71 3.46 -18.79
N PHE A 75 7.67 3.95 -18.11
CA PHE A 75 7.48 5.36 -17.86
C PHE A 75 7.61 5.68 -16.37
N ALA A 76 8.44 4.91 -15.67
CA ALA A 76 8.62 5.11 -14.24
C ALA A 76 9.23 6.46 -13.92
N ARG A 77 10.05 6.99 -14.83
CA ARG A 77 10.73 8.26 -14.61
C ARG A 77 10.06 9.42 -15.35
N CYS A 78 8.80 9.25 -15.76
CA CYS A 78 8.02 10.30 -16.40
C CYS A 78 7.01 10.84 -15.41
N ILE A 79 6.89 12.17 -15.37
CA ILE A 79 5.97 12.84 -14.47
C ILE A 79 5.15 13.81 -15.31
N SER A 80 3.86 13.52 -15.47
CA SER A 80 2.95 14.41 -16.18
C SER A 80 3.07 15.83 -15.65
N HIS A 81 3.08 16.79 -16.58
CA HIS A 81 3.09 18.20 -16.21
C HIS A 81 1.99 18.51 -15.20
N GLU A 82 0.82 17.87 -15.36
CA GLU A 82 -0.29 18.12 -14.45
C GLU A 82 0.11 17.83 -13.01
N TYR A 83 0.85 16.76 -12.79
CA TYR A 83 1.26 16.40 -11.43
C TYR A 83 2.38 17.31 -10.94
N ARG A 84 3.23 17.81 -11.85
CA ARG A 84 4.24 18.77 -11.42
C ARG A 84 3.59 20.09 -11.01
N TYR A 85 2.63 20.57 -11.79
CA TYR A 85 1.92 21.80 -11.42
C TYR A 85 1.27 21.65 -10.04
N LEU A 86 0.69 20.48 -9.77
CA LEU A 86 0.08 20.26 -8.47
C LEU A 86 1.11 20.25 -7.35
N TYR A 87 2.32 19.78 -7.61
CA TYR A 87 3.37 19.83 -6.59
C TYR A 87 3.79 21.28 -6.32
N LEU A 88 3.90 22.09 -7.36
CA LEU A 88 4.34 23.48 -7.16
C LEU A 88 3.33 24.26 -6.33
N SER A 89 2.04 24.05 -6.58
CA SER A 89 1.02 24.67 -5.74
C SER A 89 1.16 24.21 -4.30
N LEU A 90 1.33 22.89 -4.09
CA LEU A 90 1.64 22.37 -2.78
C LEU A 90 2.74 23.21 -2.14
N ARG A 91 3.75 23.58 -2.94
CA ARG A 91 4.88 24.34 -2.43
C ARG A 91 4.51 25.81 -2.18
N GLU A 92 3.58 26.35 -2.97
CA GLU A 92 3.05 27.69 -2.69
C GLU A 92 2.44 27.74 -1.29
N HIS A 93 1.59 26.77 -0.96
CA HIS A 93 0.86 26.77 0.31
C HIS A 93 1.78 26.73 1.52
N LEU A 94 3.01 26.21 1.36
CA LEU A 94 3.89 25.99 2.50
C LEU A 94 4.67 27.22 2.92
N ALA A 95 4.83 28.20 2.03
CA ALA A 95 5.57 29.42 2.35
C ALA A 95 4.73 30.65 2.07
N LEU A 101 -3.04 28.67 7.07
CA LEU A 101 -3.62 28.47 5.75
C LEU A 101 -2.96 27.29 5.03
N ALA A 102 -1.81 26.84 5.55
CA ALA A 102 -1.14 25.68 4.96
C ALA A 102 -2.06 24.47 4.92
N GLY A 103 -2.71 24.17 6.05
CA GLY A 103 -3.61 23.02 6.08
C GLY A 103 -4.68 23.08 5.00
N GLU A 104 -5.38 24.21 4.90
CA GLU A 104 -6.39 24.33 3.84
C GLU A 104 -5.79 24.08 2.48
N GLY A 105 -4.52 24.47 2.29
CA GLY A 105 -3.84 24.16 1.04
C GLY A 105 -3.75 22.67 0.80
N MET A 106 -3.33 21.92 1.83
CA MET A 106 -3.15 20.48 1.67
C MET A 106 -4.49 19.79 1.42
N SER A 107 -5.57 20.26 2.07
CA SER A 107 -6.91 19.77 1.73
C SER A 107 -7.17 19.90 0.25
N GLN A 108 -6.78 21.02 -0.36
CA GLN A 108 -7.04 21.25 -1.77
C GLN A 108 -6.12 20.42 -2.65
N VAL A 109 -4.88 20.16 -2.21
CA VAL A 109 -3.99 19.29 -2.95
C VAL A 109 -4.60 17.91 -3.12
N VAL A 110 -5.14 17.35 -2.03
CA VAL A 110 -5.70 16.00 -2.09
C VAL A 110 -6.97 15.98 -2.92
N ARG A 111 -7.78 17.04 -2.82
CA ARG A 111 -8.91 17.21 -3.73
C ARG A 111 -8.43 17.18 -5.18
N SER A 112 -7.36 17.92 -5.47
CA SER A 112 -6.82 17.96 -6.82
C SER A 112 -6.25 16.61 -7.23
N LEU A 113 -5.41 16.02 -6.36
CA LEU A 113 -4.78 14.76 -6.70
C LEU A 113 -5.82 13.70 -7.05
N GLN A 114 -6.88 13.61 -6.24
CA GLN A 114 -7.92 12.61 -6.49
C GLN A 114 -8.59 12.88 -7.83
N GLU A 115 -9.01 14.12 -8.07
CA GLU A 115 -9.57 14.48 -9.36
C GLU A 115 -8.60 14.12 -10.48
N LEU A 116 -7.31 14.40 -10.28
CA LEU A 116 -6.31 14.14 -11.30
C LEU A 116 -6.15 12.64 -11.53
N LEU A 117 -6.10 11.85 -10.46
CA LEU A 117 -5.96 10.41 -10.62
C LEU A 117 -7.17 9.80 -11.28
N ALA A 118 -8.37 10.23 -10.90
CA ALA A 118 -9.59 9.66 -11.45
C ALA A 118 -9.64 9.75 -12.97
N ARG A 119 -8.86 10.66 -13.57
CA ARG A 119 -8.87 10.86 -15.01
C ARG A 119 -7.99 9.86 -15.76
N ARG A 120 -7.33 8.94 -15.07
CA ARG A 120 -6.46 7.94 -15.69
C ARG A 120 -5.59 8.57 -16.78
N THR A 121 -4.80 9.56 -16.37
CA THR A 121 -3.89 10.26 -17.28
C THR A 121 -2.46 10.23 -16.75
N TYR A 122 -2.07 9.16 -16.09
CA TYR A 122 -0.83 9.14 -15.33
C TYR A 122 0.05 7.98 -15.77
N TYR A 123 1.35 8.24 -15.79
CA TYR A 123 2.34 7.19 -16.01
C TYR A 123 2.70 6.54 -14.68
N SER A 124 3.43 5.42 -14.79
CA SER A 124 3.99 4.76 -13.61
C SER A 124 4.68 5.76 -12.70
N GLY A 125 5.40 6.73 -13.30
CA GLY A 125 6.14 7.71 -12.53
C GLY A 125 5.25 8.73 -11.83
N ASP A 126 4.05 8.97 -12.36
CA ASP A 126 3.09 9.82 -11.66
C ASP A 126 2.59 9.17 -10.38
N LEU A 127 2.50 7.83 -10.35
CA LEU A 127 2.16 7.13 -9.12
C LEU A 127 3.23 7.36 -8.05
N LEU A 128 4.50 7.14 -8.41
CA LEU A 128 5.58 7.39 -7.47
C LEU A 128 5.57 8.84 -6.99
N PHE A 129 5.22 9.76 -7.87
CA PHE A 129 5.14 11.17 -7.49
C PHE A 129 3.96 11.44 -6.57
N SER A 130 2.88 10.67 -6.72
CA SER A 130 1.73 10.82 -5.84
C SER A 130 2.08 10.41 -4.41
N VAL A 131 2.86 9.36 -4.24
CA VAL A 131 3.29 8.96 -2.91
C VAL A 131 4.03 10.10 -2.24
N ASP A 132 4.90 10.78 -2.99
CA ASP A 132 5.63 11.91 -2.42
C ASP A 132 4.67 13.03 -2.02
N ILE A 133 3.67 13.30 -2.85
CA ILE A 133 2.70 14.35 -2.54
C ILE A 133 1.94 14.00 -1.26
N LEU A 134 1.53 12.74 -1.13
CA LEU A 134 0.83 12.33 0.08
C LEU A 134 1.72 12.43 1.31
N ARG A 135 3.03 12.23 1.15
CA ARG A 135 3.92 12.42 2.28
C ARG A 135 4.03 13.90 2.65
N ASN A 136 4.18 14.77 1.65
CA ASN A 136 4.19 16.20 1.93
C ASN A 136 2.90 16.62 2.62
N VAL A 137 1.76 16.21 2.08
CA VAL A 137 0.48 16.52 2.70
C VAL A 137 0.44 16.01 4.13
N THR A 138 0.84 14.75 4.34
CA THR A 138 0.76 14.17 5.67
C THR A 138 1.76 14.81 6.62
N ASP A 139 2.95 15.17 6.12
CA ASP A 139 3.94 15.80 6.99
C ASP A 139 3.55 17.23 7.34
N THR A 140 2.88 17.93 6.42
CA THR A 140 2.44 19.29 6.73
C THR A 140 1.31 19.28 7.75
N PHE A 141 0.39 18.31 7.64
CA PHE A 141 -0.69 18.20 8.62
C PHE A 141 -0.14 17.99 10.03
N LYS A 142 0.86 17.11 10.17
CA LYS A 142 1.45 16.89 11.47
C LYS A 142 2.27 18.09 11.92
N ARG A 143 3.06 18.65 11.00
CA ARG A 143 3.90 19.79 11.35
C ARG A 143 3.08 20.98 11.78
N ALA A 144 1.92 21.19 11.16
CA ALA A 144 1.04 22.31 11.47
C ALA A 144 -0.05 21.96 12.48
N THR A 145 -0.04 20.74 13.03
CA THR A 145 -1.05 20.30 13.98
C THR A 145 -2.46 20.57 13.44
N TYR A 146 -2.61 20.42 12.13
CA TYR A 146 -3.88 20.63 11.44
C TYR A 146 -4.56 19.26 11.29
N VAL A 147 -5.62 19.05 12.06
CA VAL A 147 -6.35 17.78 12.03
C VAL A 147 -7.18 17.73 10.75
N PRO A 148 -6.93 16.80 9.83
CA PRO A 148 -7.74 16.75 8.61
C PRO A 148 -9.22 16.57 8.93
N SER A 149 -10.05 17.17 8.08
CA SER A 149 -11.50 17.06 8.21
C SER A 149 -11.95 15.62 8.01
N ALA A 150 -13.24 15.37 8.19
CA ALA A 150 -13.76 14.03 7.92
C ALA A 150 -13.67 13.71 6.43
N ASP A 151 -14.02 14.68 5.58
CA ASP A 151 -13.94 14.46 4.14
C ASP A 151 -12.50 14.38 3.67
N ASP A 152 -11.57 15.01 4.39
CA ASP A 152 -10.16 14.91 4.04
C ASP A 152 -9.64 13.48 4.26
N VAL A 153 -9.99 12.88 5.40
CA VAL A 153 -9.57 11.52 5.68
C VAL A 153 -10.09 10.59 4.59
N GLN A 154 -11.41 10.61 4.35
CA GLN A 154 -11.98 9.76 3.33
C GLN A 154 -11.32 9.96 1.98
N ARG A 155 -10.98 11.22 1.65
CA ARG A 155 -10.39 11.49 0.34
C ARG A 155 -8.94 11.02 0.28
N PHE A 156 -8.21 11.12 1.39
CA PHE A 156 -6.85 10.57 1.43
C PHE A 156 -6.87 9.10 1.07
N PHE A 157 -7.73 8.31 1.73
CA PHE A 157 -7.74 6.88 1.52
C PHE A 157 -8.40 6.49 0.20
N GLN A 158 -9.24 7.35 -0.36
CA GLN A 158 -9.76 7.09 -1.70
C GLN A 158 -8.67 7.31 -2.73
N VAL A 159 -7.83 8.32 -2.55
CA VAL A 159 -6.63 8.44 -3.36
C VAL A 159 -5.82 7.15 -3.29
N VAL A 160 -5.56 6.68 -2.07
CA VAL A 160 -4.80 5.44 -1.89
C VAL A 160 -5.46 4.29 -2.62
N SER A 161 -6.79 4.18 -2.53
CA SER A 161 -7.49 3.06 -3.16
C SER A 161 -7.30 3.07 -4.67
N PHE A 162 -7.49 4.23 -5.30
CA PHE A 162 -7.17 4.39 -6.71
C PHE A 162 -5.77 3.87 -7.01
N MET A 163 -4.78 4.37 -6.27
CA MET A 163 -3.38 4.11 -6.60
C MET A 163 -3.07 2.62 -6.57
N VAL A 164 -3.62 1.89 -5.60
CA VAL A 164 -3.31 0.47 -5.42
C VAL A 164 -4.34 -0.43 -6.08
N ASP A 165 -5.27 0.13 -6.84
CA ASP A 165 -6.20 -0.69 -7.60
C ASP A 165 -5.41 -1.62 -8.52
N ALA A 166 -5.91 -2.84 -8.70
CA ALA A 166 -5.23 -3.80 -9.56
C ALA A 166 -5.06 -3.27 -10.97
N GLU A 167 -5.94 -2.36 -11.40
CA GLU A 167 -5.78 -1.71 -12.69
C GLU A 167 -4.34 -1.23 -12.90
N ASN A 168 -3.67 -0.82 -11.83
CA ASN A 168 -2.32 -0.27 -11.90
C ASN A 168 -1.27 -1.31 -11.53
N LYS A 169 -1.60 -2.59 -11.63
CA LYS A 169 -0.66 -3.63 -11.22
C LYS A 169 0.59 -3.63 -12.07
N GLU A 170 0.48 -3.28 -13.35
CA GLU A 170 1.64 -3.26 -14.24
C GLU A 170 2.42 -1.97 -14.10
N LYS A 171 1.74 -0.87 -13.76
CA LYS A 171 2.45 0.39 -13.54
C LYS A 171 3.32 0.32 -12.29
N TRP A 172 2.81 -0.29 -11.22
CA TRP A 172 3.64 -0.48 -10.03
C TRP A 172 4.80 -1.43 -10.31
N ASP A 173 4.55 -2.49 -11.08
CA ASP A 173 5.64 -3.35 -11.53
C ASP A 173 6.73 -2.54 -12.22
N ASP A 174 6.33 -1.53 -12.98
CA ASP A 174 7.28 -0.68 -13.66
C ASP A 174 7.85 0.38 -12.74
N ALA A 175 7.01 0.94 -11.86
CA ALA A 175 7.47 1.97 -10.93
C ALA A 175 8.50 1.42 -9.96
N GLN A 176 8.33 0.19 -9.51
CA GLN A 176 9.15 -0.31 -8.42
C GLN A 176 10.51 -0.84 -8.87
N GLN A 177 10.82 -0.80 -10.17
CA GLN A 177 12.17 -1.05 -10.62
C GLN A 177 13.09 0.12 -10.33
N VAL A 178 12.53 1.30 -10.03
CA VAL A 178 13.34 2.48 -9.73
C VAL A 178 13.17 2.97 -8.29
N SER A 179 12.09 2.61 -7.60
CA SER A 179 11.89 3.11 -6.24
C SER A 179 10.83 2.28 -5.52
N PRO A 180 11.04 1.89 -4.26
CA PRO A 180 10.05 1.05 -3.58
C PRO A 180 8.78 1.84 -3.25
N GLY A 181 7.95 2.08 -4.25
CA GLY A 181 6.79 2.94 -4.06
C GLY A 181 5.81 2.41 -3.02
N SER A 182 5.73 1.10 -2.85
CA SER A 182 4.77 0.53 -1.91
C SER A 182 5.27 0.63 -0.48
N VAL A 183 6.56 0.33 -0.25
CA VAL A 183 7.14 0.59 1.05
C VAL A 183 6.86 2.03 1.47
N HIS A 184 7.06 2.97 0.55
CA HIS A 184 6.87 4.38 0.85
C HIS A 184 5.41 4.71 1.10
N LEU A 185 4.51 4.12 0.30
CA LEU A 185 3.09 4.43 0.45
C LEU A 185 2.56 3.92 1.79
N LEU A 186 2.94 2.70 2.18
CA LEU A 186 2.47 2.15 3.45
C LEU A 186 2.93 2.99 4.62
N ARG A 187 4.05 3.70 4.46
CA ARG A 187 4.59 4.49 5.55
C ARG A 187 3.87 5.81 5.72
N VAL A 188 3.44 6.44 4.62
CA VAL A 188 2.63 7.65 4.75
C VAL A 188 1.24 7.28 5.26
N VAL A 189 0.71 6.14 4.80
CA VAL A 189 -0.55 5.63 5.34
C VAL A 189 -0.44 5.45 6.85
N GLU A 190 0.67 4.89 7.32
CA GLU A 190 0.85 4.73 8.76
C GLU A 190 0.93 6.08 9.45
N ASP A 191 1.62 7.05 8.84
CA ASP A 191 1.71 8.37 9.44
C ASP A 191 0.36 9.07 9.44
N PHE A 192 -0.43 8.90 8.38
CA PHE A 192 -1.73 9.56 8.31
C PHE A 192 -2.70 8.94 9.30
N ILE A 193 -2.69 7.60 9.42
CA ILE A 193 -3.56 6.93 10.38
C ILE A 193 -3.35 7.51 11.77
N HIS A 194 -2.10 7.61 12.20
CA HIS A 194 -1.81 8.06 13.54
C HIS A 194 -1.98 9.57 13.72
N LEU A 195 -1.91 10.33 12.63
CA LEU A 195 -2.34 11.72 12.66
C LEU A 195 -3.83 11.81 12.97
N VAL A 196 -4.64 11.01 12.28
CA VAL A 196 -6.08 10.97 12.56
C VAL A 196 -6.33 10.43 13.96
N GLY A 197 -5.83 9.22 14.23
CA GLY A 197 -6.10 8.59 15.51
C GLY A 197 -5.70 9.43 16.70
N ASP A 198 -4.65 10.24 16.55
CA ASP A 198 -4.23 11.11 17.64
C ASP A 198 -5.21 12.21 17.95
N ALA A 199 -6.25 12.39 17.14
CA ALA A 199 -7.27 13.40 17.37
C ALA A 199 -8.58 12.83 17.88
N LEU A 200 -8.72 11.52 17.92
CA LEU A 200 -9.93 10.90 18.45
C LEU A 200 -10.02 11.07 19.96
N LYS A 201 -11.24 10.94 20.48
CA LYS A 201 -11.46 10.86 21.91
C LYS A 201 -11.16 9.45 22.41
N ALA A 202 -10.81 9.36 23.69
CA ALA A 202 -10.60 8.06 24.31
C ALA A 202 -11.76 7.12 23.98
N PHE A 203 -11.43 5.87 23.67
CA PHE A 203 -12.40 4.81 23.39
C PHE A 203 -13.16 5.07 22.09
N GLN A 204 -12.77 6.06 21.32
CA GLN A 204 -13.44 6.40 20.07
C GLN A 204 -12.79 5.66 18.91
N SER A 205 -13.59 5.35 17.90
CA SER A 205 -13.11 4.65 16.71
C SER A 205 -13.67 5.32 15.47
N SER A 206 -13.15 4.91 14.32
CA SER A 206 -13.62 5.42 13.04
C SER A 206 -13.37 4.36 11.98
N LEU A 207 -14.30 4.27 11.04
CA LEU A 207 -14.20 3.32 9.94
C LEU A 207 -14.18 4.10 8.62
N ILE A 208 -13.30 3.69 7.73
CA ILE A 208 -13.18 4.28 6.39
C ILE A 208 -13.19 3.15 5.39
N VAL A 209 -14.11 3.21 4.43
CA VAL A 209 -14.33 2.14 3.48
C VAL A 209 -14.08 2.67 2.08
N THR A 210 -13.32 1.91 1.29
CA THR A 210 -13.01 2.26 -0.08
C THR A 210 -13.03 0.98 -0.91
N ASP A 211 -12.91 1.13 -2.23
CA ASP A 211 -13.00 -0.02 -3.11
C ASP A 211 -11.94 -1.06 -2.76
N ASN A 212 -10.74 -0.61 -2.38
CA ASN A 212 -9.61 -1.50 -2.23
C ASN A 212 -8.99 -1.51 -0.85
N LEU A 213 -9.49 -0.70 0.09
CA LEU A 213 -9.07 -0.78 1.47
C LEU A 213 -10.28 -0.62 2.38
N VAL A 214 -10.17 -1.17 3.59
CA VAL A 214 -11.00 -0.82 4.72
C VAL A 214 -10.08 -0.49 5.88
N ILE A 215 -10.33 0.63 6.55
CA ILE A 215 -9.44 1.13 7.58
C ILE A 215 -10.23 1.39 8.86
N SER A 216 -9.71 0.91 9.98
CA SER A 216 -10.24 1.22 11.31
C SER A 216 -9.14 1.87 12.12
N ILE A 217 -9.45 3.02 12.72
CA ILE A 217 -8.54 3.73 13.61
C ILE A 217 -9.22 3.84 14.96
N GLN A 218 -8.50 3.44 16.01
CA GLN A 218 -9.07 3.28 17.33
C GLN A 218 -8.09 3.84 18.35
N ARG A 219 -8.62 4.49 19.39
CA ARG A 219 -7.77 5.09 20.41
C ARG A 219 -8.20 4.59 21.78
N GLU A 220 -7.21 4.18 22.58
CA GLU A 220 -7.45 3.58 23.89
C GLU A 220 -6.39 4.10 24.86
N PRO A 221 -6.76 4.33 26.13
CA PRO A 221 -5.74 4.72 27.11
C PRO A 221 -4.82 3.55 27.43
N VAL A 222 -3.52 3.84 27.53
CA VAL A 222 -2.54 2.78 27.73
C VAL A 222 -2.81 2.03 29.03
N SER A 223 -3.34 2.70 30.04
CA SER A 223 -3.48 2.09 31.36
C SER A 223 -4.85 1.47 31.59
N ALA A 224 -5.78 1.61 30.64
CA ALA A 224 -7.10 1.03 30.79
C ALA A 224 -7.66 0.69 29.42
N VAL A 225 -6.91 -0.10 28.63
CA VAL A 225 -7.40 -0.53 27.34
C VAL A 225 -8.71 -1.28 27.53
N SER A 226 -9.76 -0.83 26.86
CA SER A 226 -11.12 -1.20 27.25
C SER A 226 -11.41 -2.68 26.96
N SER A 227 -11.22 -3.10 25.71
CA SER A 227 -11.64 -4.43 25.29
C SER A 227 -10.61 -5.00 24.31
N ASP A 228 -10.87 -6.22 23.86
CA ASP A 228 -10.15 -6.77 22.72
C ASP A 228 -10.52 -5.97 21.48
N ILE A 229 -9.57 -5.85 20.56
CA ILE A 229 -9.79 -5.21 19.27
C ILE A 229 -10.12 -6.30 18.25
N THR A 230 -11.28 -6.21 17.64
CA THR A 230 -11.63 -7.02 16.48
C THR A 230 -11.83 -6.09 15.28
N PHE A 231 -11.69 -6.65 14.09
CA PHE A 231 -11.74 -5.88 12.86
C PHE A 231 -11.71 -6.83 11.67
N PRO A 232 -12.47 -6.55 10.60
CA PRO A 232 -13.41 -5.44 10.44
C PRO A 232 -14.81 -5.81 10.93
N MET A 233 -15.51 -4.87 11.55
CA MET A 233 -16.87 -5.12 12.03
C MET A 233 -17.82 -5.04 10.84
N ARG A 234 -18.26 -6.21 10.36
CA ARG A 234 -19.11 -6.26 9.18
C ARG A 234 -20.51 -5.77 9.47
N GLY A 235 -20.97 -5.90 10.72
CA GLY A 235 -22.31 -5.46 11.05
C GLY A 235 -22.59 -4.02 10.64
N ARG A 236 -21.62 -3.14 10.88
CA ARG A 236 -21.75 -1.73 10.54
C ARG A 236 -22.19 -1.56 9.08
N ARG A 237 -23.42 -1.11 8.85
CA ARG A 237 -23.81 -0.73 7.50
C ARG A 237 -22.92 0.40 7.02
N GLY A 238 -22.57 0.36 5.73
CA GLY A 238 -21.47 1.11 5.17
C GLY A 238 -20.30 0.23 4.76
N MET A 239 -20.16 -0.93 5.39
CA MET A 239 -19.12 -1.87 5.02
C MET A 239 -19.30 -2.34 3.59
N LYS A 240 -18.23 -2.23 2.80
CA LYS A 240 -18.27 -2.66 1.41
C LYS A 240 -18.64 -4.14 1.32
N ASP A 241 -19.08 -4.54 0.13
CA ASP A 241 -19.48 -5.92 -0.09
C ASP A 241 -18.29 -6.86 0.00
N TRP A 242 -17.17 -6.50 -0.64
CA TRP A 242 -16.03 -7.42 -0.68
C TRP A 242 -15.51 -7.78 0.72
N VAL A 243 -15.91 -7.02 1.74
CA VAL A 243 -15.58 -7.35 3.12
C VAL A 243 -16.70 -8.11 3.80
N ARG A 244 -17.94 -7.67 3.60
CA ARG A 244 -19.07 -8.35 4.22
C ARG A 244 -19.11 -9.81 3.79
N HIS A 245 -19.14 -10.07 2.47
CA HIS A 245 -19.12 -11.42 1.95
C HIS A 245 -17.70 -11.98 1.96
N SER A 246 -17.00 -11.85 3.08
CA SER A 246 -15.62 -12.30 3.18
C SER A 246 -15.38 -12.84 4.58
N GLU A 247 -14.19 -13.40 4.77
CA GLU A 247 -13.82 -14.04 6.02
C GLU A 247 -12.64 -13.37 6.73
N ASP A 248 -11.99 -12.39 6.12
CA ASP A 248 -10.88 -11.71 6.77
C ASP A 248 -11.33 -11.16 8.12
N ARG A 249 -10.47 -11.31 9.12
CA ARG A 249 -10.74 -10.69 10.41
C ARG A 249 -9.47 -10.62 11.24
N LEU A 250 -9.43 -9.63 12.12
CA LEU A 250 -8.39 -9.49 13.13
C LEU A 250 -9.02 -9.73 14.50
N PHE A 251 -8.36 -10.51 15.33
CA PHE A 251 -8.63 -10.51 16.77
C PHE A 251 -7.33 -10.14 17.48
N LEU A 252 -7.37 -9.03 18.21
CA LEU A 252 -6.20 -8.49 18.90
C LEU A 252 -6.50 -8.42 20.39
N PRO A 253 -6.10 -9.41 21.18
CA PRO A 253 -6.40 -9.37 22.61
C PRO A 253 -5.80 -8.13 23.27
N LYS A 254 -6.58 -7.53 24.17
CA LYS A 254 -6.09 -6.40 24.94
C LYS A 254 -4.77 -6.72 25.64
N GLU A 255 -4.51 -8.01 25.91
CA GLU A 255 -3.26 -8.40 26.55
C GLU A 255 -2.04 -8.04 25.71
N VAL A 256 -2.21 -7.83 24.40
CA VAL A 256 -1.08 -7.49 23.56
C VAL A 256 -0.69 -6.02 23.74
N LEU A 257 -1.66 -5.16 24.06
CA LEU A 257 -1.41 -3.72 24.15
C LEU A 257 -0.76 -3.42 25.49
N SER A 258 0.56 -3.62 25.52
CA SER A 258 1.39 -3.36 26.68
C SER A 258 2.67 -2.69 26.21
N LEU A 259 3.25 -1.85 27.07
CA LEU A 259 4.30 -0.94 26.65
C LEU A 259 5.68 -1.56 26.78
N SER A 260 6.56 -1.19 25.85
CA SER A 260 7.94 -1.69 25.80
C SER A 260 8.82 -0.96 26.80
N SER A 302 1.34 9.19 23.76
CA SER A 302 2.15 8.52 24.75
C SER A 302 1.29 7.91 25.85
N SER A 303 0.28 8.67 26.29
CA SER A 303 -0.69 8.18 27.26
C SER A 303 -1.85 7.45 26.60
N TYR A 304 -1.88 7.34 25.27
CA TYR A 304 -2.94 6.66 24.54
C TYR A 304 -2.34 5.76 23.47
N PHE A 305 -2.99 4.61 23.26
CA PHE A 305 -2.70 3.76 22.12
C PHE A 305 -3.57 4.20 20.94
N VAL A 306 -2.94 4.47 19.81
CA VAL A 306 -3.65 4.57 18.54
C VAL A 306 -3.47 3.24 17.83
N ILE A 307 -4.56 2.53 17.59
CA ILE A 307 -4.55 1.23 16.93
C ILE A 307 -5.18 1.38 15.57
N GLY A 308 -4.39 1.15 14.52
CA GLY A 308 -4.90 1.18 13.17
C GLY A 308 -4.83 -0.19 12.49
N ALA A 309 -5.93 -0.60 11.86
CA ALA A 309 -5.98 -1.83 11.09
C ALA A 309 -6.39 -1.50 9.67
N VAL A 310 -5.63 -1.99 8.70
CA VAL A 310 -5.93 -1.82 7.29
C VAL A 310 -6.01 -3.19 6.64
N LEU A 311 -7.13 -3.47 5.98
CA LEU A 311 -7.30 -4.66 5.15
C LEU A 311 -7.25 -4.21 3.70
N TYR A 312 -6.15 -4.51 3.01
CA TYR A 312 -6.01 -4.19 1.60
C TYR A 312 -6.57 -5.33 0.77
N ARG A 313 -7.44 -4.99 -0.18
CA ARG A 313 -8.02 -5.99 -1.06
C ARG A 313 -7.00 -6.53 -2.05
N THR A 314 -6.23 -5.62 -2.67
CA THR A 314 -5.37 -5.98 -3.79
C THR A 314 -3.88 -5.73 -3.55
N LEU A 315 -3.50 -5.12 -2.44
CA LEU A 315 -2.11 -4.69 -2.26
C LEU A 315 -1.12 -5.83 -2.46
N GLY A 316 -1.52 -7.06 -2.16
CA GLY A 316 -0.59 -8.18 -2.26
C GLY A 316 0.06 -8.30 -3.62
N LEU A 317 -0.58 -7.78 -4.67
CA LEU A 317 -0.06 -7.91 -6.03
C LEU A 317 1.20 -7.10 -6.29
N ILE A 318 1.58 -6.18 -5.40
CA ILE A 318 2.70 -5.28 -5.71
C ILE A 318 3.64 -5.13 -4.52
N LEU A 319 3.51 -6.00 -3.53
CA LEU A 319 4.47 -5.96 -2.43
C LEU A 319 5.71 -6.76 -2.79
N PRO A 320 6.84 -6.47 -2.16
CA PRO A 320 8.03 -7.31 -2.33
C PRO A 320 7.66 -8.77 -2.16
N PRO A 321 7.93 -9.61 -3.16
CA PRO A 321 7.43 -10.99 -3.14
C PRO A 321 8.29 -11.88 -2.26
N PRO A 322 7.78 -13.05 -1.88
CA PRO A 322 8.56 -14.01 -1.10
C PRO A 322 9.43 -14.86 -2.02
N ARG A 323 10.15 -15.81 -1.41
CA ARG A 323 11.00 -16.73 -2.17
C ARG A 323 10.17 -17.37 -3.27
N PRO A 324 10.79 -17.83 -4.36
CA PRO A 324 10.05 -18.06 -5.62
C PRO A 324 8.90 -19.03 -5.49
N PRO A 325 9.08 -20.23 -4.90
CA PRO A 325 7.95 -21.18 -4.88
C PRO A 325 6.65 -20.55 -4.40
N LEU A 326 6.74 -19.67 -3.40
CA LEU A 326 5.55 -19.06 -2.83
C LEU A 326 5.26 -17.72 -3.53
N ALA A 327 4.15 -17.11 -3.11
CA ALA A 327 3.70 -15.83 -3.66
C ALA A 327 2.64 -15.28 -2.73
N VAL A 328 2.56 -13.96 -2.65
CA VAL A 328 1.49 -13.32 -1.88
C VAL A 328 0.17 -13.59 -2.60
N THR A 329 -0.64 -14.51 -2.07
CA THR A 329 -1.86 -14.95 -2.71
C THR A 329 -3.12 -14.48 -1.98
N SER A 330 -2.97 -13.67 -0.94
CA SER A 330 -4.07 -13.33 -0.05
C SER A 330 -4.29 -11.82 -0.02
N ARG A 331 -5.39 -11.43 0.62
CA ARG A 331 -5.52 -10.07 1.09
C ARG A 331 -4.47 -9.81 2.17
N VAL A 332 -4.21 -8.53 2.42
CA VAL A 332 -3.11 -8.11 3.28
C VAL A 332 -3.70 -7.25 4.40
N MET A 333 -3.28 -7.55 5.64
CA MET A 333 -3.72 -6.80 6.80
C MET A 333 -2.51 -6.17 7.49
N THR A 334 -2.53 -4.85 7.61
CA THR A 334 -1.59 -4.11 8.45
C THR A 334 -2.25 -3.83 9.79
N VAL A 335 -1.47 -3.94 10.87
CA VAL A 335 -1.93 -3.62 12.21
C VAL A 335 -0.82 -2.81 12.86
N THR A 336 -1.00 -1.49 12.88
CA THR A 336 -0.03 -0.58 13.47
C THR A 336 -0.54 -0.11 14.82
N VAL A 337 0.37 0.03 15.78
CA VAL A 337 0.05 0.53 17.12
C VAL A 337 1.16 1.47 17.56
N ARG A 338 0.80 2.66 18.00
CA ARG A 338 1.73 3.57 18.65
C ARG A 338 1.15 3.99 19.99
N PRO A 339 1.99 4.10 21.03
CA PRO A 339 3.42 3.78 21.09
C PRO A 339 3.75 2.30 20.90
N PRO A 340 5.04 1.99 20.74
CA PRO A 340 5.45 0.59 20.55
C PRO A 340 4.93 -0.31 21.65
N THR A 341 4.57 -1.52 21.27
CA THR A 341 4.04 -2.51 22.21
C THR A 341 5.08 -3.60 22.47
N GLN A 342 5.06 -4.12 23.69
CA GLN A 342 5.80 -5.32 24.03
C GLN A 342 4.82 -6.49 23.98
N PRO A 343 4.78 -7.26 22.89
CA PRO A 343 3.79 -8.33 22.79
C PRO A 343 4.17 -9.49 23.68
N PRO A 344 3.21 -10.28 24.15
CA PRO A 344 3.55 -11.49 24.90
C PRO A 344 4.32 -12.45 24.00
N ALA A 345 5.08 -13.33 24.63
CA ALA A 345 5.82 -14.32 23.85
C ALA A 345 4.90 -15.37 23.25
N GLU A 346 3.71 -15.57 23.82
CA GLU A 346 2.76 -16.49 23.19
C GLU A 346 2.11 -15.81 22.00
N PRO A 347 2.04 -16.48 20.85
CA PRO A 347 1.25 -15.91 19.73
C PRO A 347 -0.21 -15.75 20.09
N LEU A 348 -0.66 -14.50 20.25
CA LEU A 348 -2.01 -14.20 20.68
C LEU A 348 -2.83 -13.40 19.68
N ILE A 349 -2.29 -13.12 18.50
CA ILE A 349 -2.97 -12.33 17.47
C ILE A 349 -3.55 -13.31 16.45
N THR A 350 -4.85 -13.24 16.23
CA THR A 350 -5.51 -14.04 15.21
C THR A 350 -5.72 -13.19 13.96
N VAL A 351 -5.27 -13.70 12.81
CA VAL A 351 -5.41 -13.01 11.54
C VAL A 351 -5.94 -14.02 10.54
N GLU A 352 -7.19 -13.82 10.11
CA GLU A 352 -7.78 -14.62 9.03
C GLU A 352 -7.74 -13.79 7.76
N LEU A 353 -7.37 -14.41 6.64
CA LEU A 353 -7.18 -13.68 5.40
C LEU A 353 -7.66 -14.49 4.20
N SER A 354 -8.50 -13.86 3.38
CA SER A 354 -9.02 -14.48 2.18
C SER A 354 -7.96 -14.53 1.09
N TYR A 355 -8.18 -15.40 0.11
CA TYR A 355 -7.27 -15.55 -1.01
C TYR A 355 -7.67 -14.64 -2.16
N ILE A 356 -6.68 -14.22 -2.94
CA ILE A 356 -6.94 -13.39 -4.12
C ILE A 356 -7.28 -14.24 -5.34
N ILE A 357 -6.91 -15.52 -5.35
CA ILE A 357 -7.07 -16.39 -6.51
C ILE A 357 -7.43 -17.79 -6.03
N ASN A 358 -8.46 -18.38 -6.64
CA ASN A 358 -8.72 -19.80 -6.44
C ASN A 358 -7.56 -20.62 -7.01
N GLY A 359 -7.23 -21.71 -6.34
CA GLY A 359 -6.26 -22.66 -6.85
C GLY A 359 -4.92 -22.74 -6.15
N THR A 360 -4.75 -22.04 -5.02
CA THR A 360 -3.47 -22.03 -4.34
C THR A 360 -3.24 -23.36 -3.61
N THR A 361 -1.99 -23.55 -3.19
CA THR A 361 -1.63 -24.70 -2.35
C THR A 361 -0.46 -24.29 -1.46
N ASP A 362 -0.26 -25.07 -0.40
CA ASP A 362 0.85 -24.90 0.51
C ASP A 362 0.85 -23.49 1.12
N PRO A 363 -0.14 -23.16 1.94
CA PRO A 363 -0.16 -21.82 2.56
C PRO A 363 0.87 -21.68 3.65
N HIS A 364 1.48 -20.49 3.71
CA HIS A 364 2.41 -20.12 4.78
C HIS A 364 2.04 -18.72 5.27
N CYS A 365 1.56 -18.62 6.50
CA CYS A 365 1.31 -17.30 7.08
C CYS A 365 2.63 -16.58 7.31
N ALA A 366 2.65 -15.29 7.01
CA ALA A 366 3.87 -14.52 7.12
C ALA A 366 3.56 -13.09 7.51
N SER A 367 4.56 -12.42 8.09
CA SER A 367 4.51 -11.00 8.38
C SER A 367 5.73 -10.34 7.77
N TRP A 368 5.60 -9.06 7.44
CA TRP A 368 6.65 -8.33 6.73
C TRP A 368 6.64 -6.89 7.20
N ASP A 369 7.81 -6.38 7.59
CA ASP A 369 7.94 -5.09 8.25
C ASP A 369 8.34 -4.04 7.22
N TYR A 370 7.36 -3.23 6.79
CA TYR A 370 7.66 -2.17 5.84
C TYR A 370 8.42 -1.01 6.48
N SER A 371 8.67 -1.05 7.78
CA SER A 371 9.41 0.02 8.44
C SER A 371 10.92 -0.14 8.34
N ARG A 372 11.41 -1.35 8.11
CA ARG A 372 12.85 -1.57 8.09
C ARG A 372 13.47 -0.98 6.82
N ALA A 373 14.76 -0.68 6.91
CA ALA A 373 15.47 -0.12 5.76
C ALA A 373 15.57 -1.13 4.61
N ASP A 374 15.67 -2.42 4.93
CA ASP A 374 15.66 -3.47 3.92
C ASP A 374 14.24 -3.91 3.55
N ALA A 375 13.24 -3.09 3.89
CA ALA A 375 11.85 -3.45 3.62
C ALA A 375 11.65 -3.88 2.17
N SER A 376 12.37 -3.25 1.24
CA SER A 376 12.20 -3.58 -0.18
C SER A 376 12.70 -4.97 -0.53
N SER A 377 13.54 -5.58 0.32
CA SER A 377 14.01 -6.93 0.03
C SER A 377 12.88 -7.95 0.04
N GLY A 378 11.84 -7.69 0.84
CA GLY A 378 10.78 -8.67 0.99
C GLY A 378 11.13 -9.81 1.91
N ASP A 379 11.83 -9.53 3.02
CA ASP A 379 12.16 -10.54 4.02
C ASP A 379 10.89 -10.85 4.81
N TRP A 380 10.06 -11.72 4.22
CA TRP A 380 8.87 -12.17 4.92
C TRP A 380 9.26 -13.09 6.07
N ASP A 381 8.44 -13.09 7.12
CA ASP A 381 8.75 -13.75 8.38
C ASP A 381 7.68 -14.79 8.65
N THR A 382 8.04 -16.07 8.52
CA THR A 382 7.10 -17.17 8.72
C THR A 382 7.20 -17.81 10.08
N GLU A 383 8.09 -17.33 10.95
CA GLU A 383 8.11 -17.81 12.33
C GLU A 383 7.25 -16.95 13.24
N ASN A 384 7.02 -15.69 12.89
CA ASN A 384 6.08 -14.87 13.64
C ASN A 384 4.73 -15.57 13.77
N CYS A 385 4.25 -16.14 12.67
CA CYS A 385 2.89 -16.64 12.57
C CYS A 385 2.87 -18.17 12.46
N GLN A 386 1.77 -18.73 12.94
CA GLN A 386 1.46 -20.14 12.83
C GLN A 386 0.27 -20.29 11.88
N THR A 387 0.39 -21.19 10.91
CA THR A 387 -0.68 -21.40 9.93
C THR A 387 -1.60 -22.49 10.44
N LEU A 388 -2.89 -22.16 10.58
CA LEU A 388 -3.88 -23.12 11.05
C LEU A 388 -4.81 -23.51 9.91
N GLU A 389 -6.09 -23.70 10.18
CA GLU A 389 -6.96 -24.32 9.19
C GLU A 389 -7.08 -23.45 7.95
N THR A 390 -7.03 -24.11 6.78
CA THR A 390 -7.30 -23.50 5.49
C THR A 390 -8.61 -24.06 4.96
N GLN A 391 -9.60 -23.20 4.75
CA GLN A 391 -10.94 -23.62 4.43
C GLN A 391 -11.76 -22.44 3.96
N ALA A 392 -12.72 -22.71 3.07
CA ALA A 392 -13.68 -21.71 2.61
C ALA A 392 -12.98 -20.45 2.11
N ALA A 393 -11.99 -20.65 1.25
CA ALA A 393 -11.32 -19.59 0.50
C ALA A 393 -10.47 -18.67 1.37
N HIS A 394 -10.20 -19.04 2.63
CA HIS A 394 -9.31 -18.26 3.46
C HIS A 394 -8.48 -19.18 4.34
N THR A 395 -7.51 -18.58 5.04
CA THR A 395 -6.63 -19.31 5.94
C THR A 395 -6.50 -18.51 7.22
N ARG A 396 -6.50 -19.20 8.35
CA ARG A 396 -6.34 -18.56 9.64
C ARG A 396 -4.88 -18.58 10.08
N CYS A 397 -4.43 -17.47 10.67
CA CYS A 397 -3.07 -17.34 11.17
C CYS A 397 -3.12 -16.91 12.64
N GLN A 398 -2.13 -17.38 13.39
CA GLN A 398 -1.96 -17.03 14.81
C GLN A 398 -0.56 -16.44 14.97
N CYS A 399 -0.48 -15.12 15.14
CA CYS A 399 0.76 -14.38 15.04
C CYS A 399 1.15 -13.77 16.38
N GLN A 400 2.45 -13.52 16.55
CA GLN A 400 3.00 -13.06 17.82
C GLN A 400 3.14 -11.55 17.90
N HIS A 401 3.87 -10.94 16.96
CA HIS A 401 4.06 -9.50 16.96
CA HIS A 401 4.08 -9.50 16.94
C HIS A 401 3.26 -8.85 15.84
N LEU A 402 2.82 -7.62 16.10
CA LEU A 402 2.05 -6.86 15.13
C LEU A 402 2.90 -6.50 13.93
N SER A 403 2.25 -6.41 12.77
CA SER A 403 2.97 -6.16 11.52
C SER A 403 1.99 -6.17 10.35
N THR A 404 2.51 -6.32 9.14
CA THR A 404 1.69 -6.51 7.95
C THR A 404 1.65 -8.00 7.62
N PHE A 405 0.44 -8.55 7.49
CA PHE A 405 0.23 -9.99 7.47
C PHE A 405 -0.33 -10.43 6.12
N ALA A 406 0.14 -11.57 5.63
CA ALA A 406 -0.38 -12.16 4.42
C ALA A 406 -0.17 -13.68 4.48
N VAL A 407 -0.85 -14.38 3.57
CA VAL A 407 -0.76 -15.82 3.46
C VAL A 407 -0.04 -16.12 2.15
N LEU A 408 1.23 -16.51 2.27
CA LEU A 408 2.02 -16.90 1.11
C LEU A 408 1.64 -18.30 0.68
N ALA A 409 1.58 -18.53 -0.62
CA ALA A 409 1.12 -19.80 -1.14
C ALA A 409 1.64 -20.00 -2.55
N GLN A 410 1.65 -21.25 -2.99
CA GLN A 410 1.98 -21.58 -4.36
C GLN A 410 0.78 -21.27 -5.25
N PRO A 411 0.90 -20.34 -6.18
CA PRO A 411 -0.24 -20.04 -7.05
C PRO A 411 -0.42 -21.13 -8.09
N PRO A 412 -1.56 -21.14 -8.80
CA PRO A 412 -1.76 -22.14 -9.85
C PRO A 412 -0.69 -22.08 -10.94
#